data_2M2S
#
_entry.id   2M2S
#
_entity_poly.entity_id   1
_entity_poly.type   'polypeptide(L)'
_entity_poly.pdbx_seq_one_letter_code
;GVCR(ABA)V(ABA)RRGV(ABA)R(ABA)VCRR
;
_entity_poly.pdbx_strand_id   A
#
# COMPACT_ATOMS: atom_id res chain seq x y z
N GLY A 1 3.39 -10.15 3.13
CA GLY A 1 3.42 -10.60 1.76
C GLY A 1 2.39 -9.90 0.90
N VAL A 2 1.50 -9.15 1.52
CA VAL A 2 0.46 -8.45 0.81
C VAL A 2 0.88 -7.01 0.60
N CYS A 3 1.09 -6.63 -0.62
CA CYS A 3 1.42 -5.27 -0.93
C CYS A 3 0.18 -4.54 -1.40
N ARG A 4 -0.31 -3.70 -0.55
CA ARG A 4 -1.46 -2.91 -0.85
C ARG A 4 -1.03 -1.49 -1.16
N VAL A 6 -2.27 1.84 -1.91
CA VAL A 6 -3.41 2.72 -1.82
C VAL A 6 -2.97 4.05 -2.43
N ARG A 8 -4.37 8.00 -2.77
CA ARG A 8 -5.38 9.00 -2.50
C ARG A 8 -5.04 10.27 -3.27
N ARG A 9 -5.26 10.21 -4.57
CA ARG A 9 -4.99 11.31 -5.51
C ARG A 9 -3.55 11.82 -5.37
N GLY A 10 -2.62 10.99 -5.78
CA GLY A 10 -1.22 11.35 -5.69
C GLY A 10 -0.55 10.75 -4.46
N VAL A 11 -1.29 10.69 -3.37
CA VAL A 11 -0.79 10.14 -2.12
C VAL A 11 -0.73 8.62 -2.21
N ARG A 13 0.53 5.06 -1.09
CA ARG A 13 0.88 4.38 0.12
C ARG A 13 1.00 2.90 -0.19
N VAL A 15 2.00 -0.35 1.10
CA VAL A 15 2.35 -1.10 2.28
C VAL A 15 2.44 -2.59 1.98
N CYS A 16 3.61 -3.12 2.18
CA CYS A 16 3.81 -4.54 2.03
C CYS A 16 3.82 -5.16 3.39
N ARG A 17 2.75 -5.83 3.69
CA ARG A 17 2.58 -6.42 4.98
C ARG A 17 2.15 -7.86 4.86
N ARG A 18 2.98 -8.72 5.37
CA ARG A 18 2.75 -10.16 5.46
C ARG A 18 2.67 -10.75 4.04
N GLY A 1 3.67 -9.94 3.47
CA GLY A 1 4.05 -10.21 2.09
C GLY A 1 3.07 -9.63 1.09
N VAL A 2 2.01 -9.07 1.60
CA VAL A 2 0.98 -8.50 0.79
C VAL A 2 1.22 -7.03 0.67
N CYS A 3 1.48 -6.58 -0.51
CA CYS A 3 1.65 -5.19 -0.75
C CYS A 3 0.39 -4.66 -1.38
N ARG A 4 -0.15 -3.65 -0.78
CA ARG A 4 -1.34 -3.02 -1.27
C ARG A 4 -0.96 -1.63 -1.70
N VAL A 6 -2.19 1.56 -2.81
CA VAL A 6 -3.38 2.40 -2.86
C VAL A 6 -2.95 3.82 -3.19
N ARG A 8 -4.01 7.75 -2.57
CA ARG A 8 -4.85 8.68 -1.87
C ARG A 8 -4.32 10.09 -2.06
N ARG A 9 -5.11 10.95 -2.71
CA ARG A 9 -4.76 12.36 -2.96
C ARG A 9 -3.55 12.45 -3.92
N GLY A 10 -3.41 11.42 -4.73
CA GLY A 10 -2.30 11.36 -5.65
C GLY A 10 -1.05 10.83 -5.00
N VAL A 11 -1.14 10.47 -3.75
CA VAL A 11 -0.03 9.92 -3.02
C VAL A 11 -0.15 8.41 -3.03
N ARG A 13 0.47 5.01 -1.67
CA ARG A 13 0.74 4.39 -0.41
C ARG A 13 0.77 2.88 -0.61
N VAL A 15 1.39 -0.34 1.10
CA VAL A 15 1.50 -0.96 2.40
C VAL A 15 1.82 -2.44 2.24
N CYS A 16 2.97 -2.84 2.69
CA CYS A 16 3.38 -4.23 2.62
C CYS A 16 3.28 -4.87 3.98
N ARG A 17 2.34 -5.76 4.12
CA ARG A 17 2.07 -6.45 5.35
C ARG A 17 1.84 -7.91 5.05
N ARG A 18 2.62 -8.78 5.68
CA ARG A 18 2.47 -10.24 5.54
C ARG A 18 2.75 -10.66 4.08
N GLY A 1 3.23 -9.94 3.23
CA GLY A 1 3.65 -10.27 1.89
C GLY A 1 2.80 -9.60 0.84
N VAL A 2 1.80 -8.87 1.27
CA VAL A 2 0.89 -8.22 0.37
C VAL A 2 1.16 -6.73 0.36
N CYS A 3 1.72 -6.26 -0.73
CA CYS A 3 1.96 -4.85 -0.90
C CYS A 3 0.81 -4.22 -1.66
N ARG A 4 0.02 -3.46 -0.97
CA ARG A 4 -1.11 -2.81 -1.55
C ARG A 4 -0.79 -1.34 -1.73
N VAL A 6 -2.03 1.86 -2.23
CA VAL A 6 -3.24 2.61 -2.12
C VAL A 6 -2.95 4.01 -2.58
N ARG A 8 -3.38 7.60 -2.00
CA ARG A 8 -3.76 8.55 -0.98
C ARG A 8 -3.89 9.88 -1.69
N ARG A 9 -4.98 10.01 -2.42
CA ARG A 9 -5.27 11.15 -3.26
C ARG A 9 -4.15 11.34 -4.30
N GLY A 10 -3.88 10.29 -5.03
CA GLY A 10 -2.86 10.33 -6.06
C GLY A 10 -1.51 9.81 -5.59
N VAL A 11 -1.15 10.12 -4.37
CA VAL A 11 0.14 9.73 -3.80
C VAL A 11 0.13 8.26 -3.46
N ARG A 13 0.69 5.13 -1.57
CA ARG A 13 0.83 4.69 -0.21
C ARG A 13 0.85 3.17 -0.25
N VAL A 15 1.32 -0.12 1.26
CA VAL A 15 1.35 -0.80 2.50
C VAL A 15 1.73 -2.27 2.27
N CYS A 16 2.85 -2.65 2.78
CA CYS A 16 3.32 -4.00 2.67
C CYS A 16 3.12 -4.70 3.98
N ARG A 17 2.19 -5.63 3.99
CA ARG A 17 1.88 -6.36 5.17
C ARG A 17 1.54 -7.79 4.79
N ARG A 18 2.18 -8.74 5.46
CA ARG A 18 1.94 -10.19 5.29
C ARG A 18 2.28 -10.61 3.84
N GLY A 1 4.04 -9.59 3.56
CA GLY A 1 4.37 -9.85 2.18
C GLY A 1 3.32 -9.34 1.20
N VAL A 2 2.10 -9.15 1.67
CA VAL A 2 1.02 -8.70 0.80
C VAL A 2 1.05 -7.18 0.72
N CYS A 3 1.35 -6.68 -0.44
CA CYS A 3 1.48 -5.26 -0.66
C CYS A 3 0.38 -4.71 -1.55
N ARG A 4 -0.40 -3.78 -1.02
CA ARG A 4 -1.44 -3.11 -1.76
C ARG A 4 -1.00 -1.68 -2.05
N VAL A 6 -2.06 1.83 -2.56
CA VAL A 6 -3.18 2.71 -2.34
C VAL A 6 -2.85 4.10 -2.84
N ARG A 8 -3.82 7.56 -2.29
CA ARG A 8 -4.52 8.41 -1.36
C ARG A 8 -4.43 9.85 -1.83
N ARG A 9 -5.17 10.13 -2.89
CA ARG A 9 -5.28 11.45 -3.52
C ARG A 9 -3.90 12.03 -3.88
N GLY A 10 -3.24 11.37 -4.81
CA GLY A 10 -1.93 11.82 -5.24
C GLY A 10 -0.82 11.13 -4.50
N VAL A 11 -1.11 10.68 -3.30
CA VAL A 11 -0.13 9.98 -2.49
C VAL A 11 -0.22 8.49 -2.79
N ARG A 13 0.97 5.02 -2.21
CA ARG A 13 1.70 4.35 -1.17
C ARG A 13 1.45 2.85 -1.23
N VAL A 15 1.39 -0.29 0.78
CA VAL A 15 1.34 -0.78 2.14
C VAL A 15 1.45 -2.29 2.13
N CYS A 16 2.32 -2.81 2.95
CA CYS A 16 2.57 -4.23 2.98
C CYS A 16 2.24 -4.83 4.32
N ARG A 17 1.64 -5.99 4.28
CA ARG A 17 1.34 -6.75 5.46
C ARG A 17 1.64 -8.23 5.20
N ARG A 18 2.69 -8.71 5.85
CA ARG A 18 3.17 -10.09 5.76
C ARG A 18 3.41 -10.48 4.28
N GLY A 1 3.84 -10.21 3.03
CA GLY A 1 3.81 -10.72 1.67
C GLY A 1 2.66 -10.18 0.84
N VAL A 2 1.96 -9.17 1.34
CA VAL A 2 0.88 -8.58 0.59
C VAL A 2 1.11 -7.07 0.46
N CYS A 3 1.33 -6.61 -0.74
CA CYS A 3 1.49 -5.19 -1.00
C CYS A 3 0.16 -4.60 -1.41
N ARG A 4 -0.35 -3.74 -0.56
CA ARG A 4 -1.58 -3.04 -0.83
C ARG A 4 -1.30 -1.59 -1.14
N VAL A 6 -2.60 1.78 -1.83
CA VAL A 6 -3.71 2.69 -1.74
C VAL A 6 -3.19 4.03 -2.19
N ARG A 8 -4.37 7.99 -2.92
CA ARG A 8 -5.40 9.01 -2.88
C ARG A 8 -4.83 10.32 -3.38
N ARG A 9 -5.04 10.59 -4.67
CA ARG A 9 -4.63 11.82 -5.32
C ARG A 9 -3.10 12.02 -5.21
N GLY A 10 -2.37 11.14 -5.86
CA GLY A 10 -0.92 11.25 -5.89
C GLY A 10 -0.25 10.64 -4.68
N VAL A 11 -0.93 10.64 -3.55
CA VAL A 11 -0.39 10.09 -2.32
C VAL A 11 -0.50 8.58 -2.37
N ARG A 13 0.30 5.15 -0.79
CA ARG A 13 0.61 4.45 0.41
C ARG A 13 0.52 2.97 0.12
N VAL A 15 1.44 -0.39 1.28
CA VAL A 15 1.86 -1.07 2.47
C VAL A 15 2.06 -2.54 2.16
N CYS A 16 3.29 -2.96 2.20
CA CYS A 16 3.62 -4.34 2.05
C CYS A 16 3.69 -4.97 3.41
N ARG A 17 2.70 -5.75 3.72
CA ARG A 17 2.62 -6.38 4.99
C ARG A 17 2.40 -7.86 4.78
N ARG A 18 3.31 -8.64 5.34
CA ARG A 18 3.26 -10.09 5.37
C ARG A 18 3.05 -10.69 3.96
N GLY A 1 3.39 -10.09 2.89
CA GLY A 1 3.47 -10.37 1.48
C GLY A 1 2.38 -9.66 0.70
N VAL A 2 1.48 -9.01 1.39
CA VAL A 2 0.39 -8.34 0.78
C VAL A 2 0.74 -6.88 0.60
N CYS A 3 0.98 -6.49 -0.62
CA CYS A 3 1.29 -5.13 -0.94
C CYS A 3 0.05 -4.40 -1.33
N ARG A 4 -0.37 -3.50 -0.48
CA ARG A 4 -1.53 -2.71 -0.69
C ARG A 4 -1.12 -1.31 -1.04
N VAL A 6 -2.19 1.99 -1.37
CA VAL A 6 -3.22 2.93 -1.08
C VAL A 6 -2.90 4.24 -1.78
N ARG A 8 -4.43 7.59 -3.04
CA ARG A 8 -5.50 8.55 -2.91
C ARG A 8 -5.07 9.84 -3.55
N ARG A 9 -5.27 9.87 -4.86
CA ARG A 9 -4.99 11.00 -5.75
C ARG A 9 -3.63 11.65 -5.47
N GLY A 10 -2.59 10.99 -5.88
CA GLY A 10 -1.27 11.51 -5.68
C GLY A 10 -0.62 10.97 -4.43
N VAL A 11 -1.38 10.80 -3.38
CA VAL A 11 -0.87 10.25 -2.15
C VAL A 11 -0.86 8.75 -2.24
N ARG A 13 0.91 5.14 -1.05
CA ARG A 13 1.69 4.42 -0.08
C ARG A 13 1.53 2.93 -0.35
N VAL A 15 1.92 -0.33 1.10
CA VAL A 15 2.11 -1.01 2.35
C VAL A 15 2.20 -2.51 2.12
N CYS A 16 3.37 -3.04 2.31
CA CYS A 16 3.59 -4.47 2.13
C CYS A 16 3.71 -5.14 3.48
N ARG A 17 2.68 -5.86 3.85
CA ARG A 17 2.66 -6.57 5.09
C ARG A 17 2.21 -7.98 4.84
N ARG A 18 2.99 -8.94 5.30
CA ARG A 18 2.70 -10.38 5.20
C ARG A 18 2.64 -10.79 3.71
N GLY A 1 3.21 -8.79 4.39
CA GLY A 1 4.14 -9.09 3.33
C GLY A 1 3.58 -8.78 1.96
N VAL A 2 2.26 -8.69 1.86
CA VAL A 2 1.63 -8.44 0.59
C VAL A 2 1.54 -6.94 0.39
N CYS A 3 2.28 -6.45 -0.53
CA CYS A 3 2.38 -5.05 -0.78
C CYS A 3 1.41 -4.60 -1.84
N ARG A 4 0.41 -3.89 -1.40
CA ARG A 4 -0.62 -3.37 -2.27
C ARG A 4 -0.43 -1.88 -2.45
N VAL A 6 -1.74 1.50 -3.02
CA VAL A 6 -2.99 2.18 -2.91
C VAL A 6 -2.80 3.67 -3.02
N ARG A 8 -3.87 7.07 -1.92
CA ARG A 8 -4.51 7.83 -0.89
C ARG A 8 -3.80 9.15 -0.84
N ARG A 9 -4.55 10.22 -0.63
CA ARG A 9 -3.99 11.58 -0.54
C ARG A 9 -3.29 11.97 -1.86
N GLY A 10 -3.73 11.34 -2.94
CA GLY A 10 -3.20 11.63 -4.25
C GLY A 10 -1.79 11.11 -4.45
N VAL A 11 -1.47 10.03 -3.78
CA VAL A 11 -0.18 9.41 -3.97
C VAL A 11 -0.31 7.88 -3.86
N ARG A 13 1.03 4.85 -2.75
CA ARG A 13 1.96 4.42 -1.75
C ARG A 13 1.73 2.93 -1.55
N VAL A 15 1.48 -0.22 0.36
CA VAL A 15 1.21 -0.61 1.74
C VAL A 15 1.36 -2.12 1.85
N CYS A 16 2.25 -2.54 2.69
CA CYS A 16 2.50 -3.94 2.86
C CYS A 16 1.72 -4.48 4.03
N ARG A 17 0.85 -5.41 3.74
CA ARG A 17 0.02 -6.05 4.71
C ARG A 17 0.41 -7.50 4.77
N ARG A 18 1.07 -7.88 5.84
CA ARG A 18 1.54 -9.23 6.10
C ARG A 18 2.48 -9.72 4.96
N GLY A 1 3.56 -10.02 2.87
CA GLY A 1 4.04 -10.13 1.51
C GLY A 1 3.04 -9.52 0.56
N VAL A 2 1.94 -9.05 1.10
CA VAL A 2 0.89 -8.45 0.33
C VAL A 2 1.06 -6.94 0.33
N CYS A 3 1.47 -6.41 -0.79
CA CYS A 3 1.65 -5.00 -0.96
C CYS A 3 0.39 -4.36 -1.48
N ARG A 4 -0.21 -3.56 -0.66
CA ARG A 4 -1.40 -2.86 -1.04
C ARG A 4 -1.05 -1.40 -1.16
N VAL A 6 -2.54 1.95 -1.43
CA VAL A 6 -3.71 2.76 -1.30
C VAL A 6 -3.36 4.20 -1.63
N ARG A 8 -3.97 8.10 -2.39
CA ARG A 8 -4.76 9.18 -1.95
C ARG A 8 -4.58 10.33 -2.92
N ARG A 9 -5.10 10.11 -4.12
CA ARG A 9 -5.06 11.04 -5.25
C ARG A 9 -3.61 11.44 -5.59
N GLY A 10 -2.88 10.51 -6.14
CA GLY A 10 -1.51 10.77 -6.52
C GLY A 10 -0.55 10.25 -5.49
N VAL A 11 -0.87 10.46 -4.24
CA VAL A 11 -0.03 10.02 -3.16
C VAL A 11 -0.25 8.53 -2.92
N ARG A 13 0.28 5.25 -1.06
CA ARG A 13 0.70 4.70 0.21
C ARG A 13 0.83 3.20 0.06
N VAL A 15 1.79 -0.16 1.42
CA VAL A 15 2.02 -0.87 2.64
C VAL A 15 2.07 -2.37 2.35
N CYS A 16 3.14 -3.00 2.72
CA CYS A 16 3.31 -4.40 2.49
C CYS A 16 3.27 -5.14 3.81
N ARG A 17 2.33 -6.05 3.94
CA ARG A 17 2.22 -6.89 5.11
C ARG A 17 1.90 -8.30 4.66
N ARG A 18 2.60 -9.28 5.23
CA ARG A 18 2.43 -10.72 4.90
C ARG A 18 2.98 -11.02 3.48
N GLY A 1 2.68 -9.87 3.55
CA GLY A 1 3.49 -10.17 2.39
C GLY A 1 2.86 -9.63 1.13
N VAL A 2 1.77 -8.91 1.28
CA VAL A 2 1.07 -8.31 0.18
C VAL A 2 1.40 -6.83 0.17
N CYS A 3 1.93 -6.36 -0.92
CA CYS A 3 2.27 -4.97 -1.02
C CYS A 3 1.13 -4.21 -1.64
N ARG A 4 0.42 -3.50 -0.80
CA ARG A 4 -0.76 -2.78 -1.15
C ARG A 4 -0.39 -1.35 -1.45
N VAL A 6 -1.85 1.91 -1.66
CA VAL A 6 -3.02 2.68 -1.34
C VAL A 6 -2.91 4.10 -1.87
N ARG A 8 -4.07 7.61 -2.13
CA ARG A 8 -4.78 8.60 -1.37
C ARG A 8 -4.58 9.96 -2.04
N ARG A 9 -5.46 10.29 -2.97
CA ARG A 9 -5.45 11.58 -3.69
C ARG A 9 -4.11 11.78 -4.41
N GLY A 10 -3.76 10.84 -5.26
CA GLY A 10 -2.52 10.94 -6.00
C GLY A 10 -1.38 10.25 -5.31
N VAL A 11 -1.38 10.29 -3.99
CA VAL A 11 -0.32 9.69 -3.19
C VAL A 11 -0.50 8.18 -3.17
N ARG A 13 0.75 5.17 -1.76
CA ARG A 13 1.55 4.67 -0.67
C ARG A 13 1.59 3.16 -0.67
N VAL A 15 2.52 -0.26 0.98
CA VAL A 15 2.74 -0.86 2.28
C VAL A 15 2.62 -2.38 2.16
N CYS A 16 3.56 -3.09 2.70
CA CYS A 16 3.53 -4.53 2.61
C CYS A 16 3.09 -5.14 3.92
N ARG A 17 1.91 -5.71 3.90
CA ARG A 17 1.33 -6.35 5.08
C ARG A 17 0.88 -7.73 4.64
N ARG A 18 1.19 -8.77 5.44
CA ARG A 18 0.85 -10.18 5.12
C ARG A 18 1.71 -10.67 3.91
N GLY A 1 3.39 -9.94 3.76
CA GLY A 1 3.76 -10.38 2.45
C GLY A 1 2.87 -9.84 1.33
N VAL A 2 1.84 -9.08 1.67
CA VAL A 2 0.98 -8.53 0.66
C VAL A 2 1.22 -7.03 0.53
N CYS A 3 1.45 -6.60 -0.68
CA CYS A 3 1.68 -5.20 -0.97
C CYS A 3 0.53 -4.62 -1.72
N ARG A 4 -0.13 -3.70 -1.10
CA ARG A 4 -1.25 -3.02 -1.70
C ARG A 4 -0.92 -1.56 -1.82
N VAL A 6 -2.12 1.91 -2.80
CA VAL A 6 -3.31 2.66 -3.04
C VAL A 6 -3.01 4.12 -3.12
N ARG A 8 -4.08 7.63 -2.62
CA ARG A 8 -4.96 8.48 -1.86
C ARG A 8 -4.46 9.90 -1.94
N ARG A 9 -5.21 10.76 -2.63
CA ARG A 9 -4.88 12.17 -2.82
C ARG A 9 -3.54 12.28 -3.59
N GLY A 10 -3.34 11.35 -4.49
CA GLY A 10 -2.15 11.32 -5.29
C GLY A 10 -1.03 10.55 -4.62
N VAL A 11 -1.18 10.28 -3.35
CA VAL A 11 -0.18 9.57 -2.59
C VAL A 11 -0.42 8.09 -2.74
N ARG A 13 0.53 5.03 -1.69
CA ARG A 13 1.18 4.45 -0.56
C ARG A 13 1.15 2.95 -0.73
N VAL A 15 1.42 -0.38 0.83
CA VAL A 15 1.33 -1.04 2.11
C VAL A 15 1.77 -2.48 1.96
N CYS A 16 2.91 -2.81 2.52
CA CYS A 16 3.41 -4.17 2.48
C CYS A 16 3.40 -4.74 3.88
N ARG A 17 2.49 -5.62 4.12
CA ARG A 17 2.39 -6.26 5.40
C ARG A 17 1.93 -7.68 5.20
N ARG A 18 2.53 -8.59 5.96
CA ARG A 18 2.24 -10.03 5.91
C ARG A 18 2.48 -10.58 4.48
N GLY A 1 3.61 -9.91 3.74
CA GLY A 1 3.95 -10.39 2.42
C GLY A 1 3.03 -9.89 1.34
N VAL A 2 1.88 -9.35 1.71
CA VAL A 2 0.97 -8.86 0.69
C VAL A 2 1.09 -7.34 0.60
N CYS A 3 1.21 -6.86 -0.61
CA CYS A 3 1.36 -5.46 -0.86
C CYS A 3 0.13 -4.89 -1.52
N ARG A 4 -0.25 -3.72 -1.10
CA ARG A 4 -1.35 -3.00 -1.69
C ARG A 4 -0.92 -1.57 -1.90
N VAL A 6 -2.05 1.90 -2.59
CA VAL A 6 -3.21 2.77 -2.59
C VAL A 6 -2.80 4.15 -3.02
N ARG A 8 -4.14 7.81 -2.38
CA ARG A 8 -5.05 8.72 -1.75
C ARG A 8 -4.76 10.13 -2.17
N ARG A 9 -5.45 10.57 -3.21
CA ARG A 9 -5.34 11.94 -3.75
C ARG A 9 -3.88 12.21 -4.17
N GLY A 10 -3.35 11.34 -5.00
CA GLY A 10 -2.00 11.50 -5.49
C GLY A 10 -0.96 10.80 -4.63
N VAL A 11 -1.28 10.59 -3.37
CA VAL A 11 -0.37 9.95 -2.44
C VAL A 11 -0.38 8.44 -2.63
N ARG A 13 0.77 5.07 -1.65
CA ARG A 13 1.29 4.40 -0.50
C ARG A 13 1.22 2.90 -0.71
N VAL A 15 1.62 -0.44 0.82
CA VAL A 15 1.68 -1.09 2.09
C VAL A 15 1.89 -2.57 1.93
N CYS A 16 2.98 -3.05 2.43
CA CYS A 16 3.27 -4.45 2.42
C CYS A 16 3.18 -4.97 3.83
N ARG A 17 2.24 -5.83 4.05
CA ARG A 17 1.98 -6.37 5.34
C ARG A 17 1.84 -7.87 5.23
N ARG A 18 2.69 -8.59 5.94
CA ARG A 18 2.70 -10.06 5.98
C ARG A 18 2.93 -10.66 4.56
N GLY A 1 2.24 -10.13 3.60
CA GLY A 1 2.65 -10.85 2.43
C GLY A 1 2.24 -10.18 1.14
N VAL A 2 1.67 -9.00 1.22
CA VAL A 2 1.24 -8.30 0.03
C VAL A 2 1.56 -6.80 0.12
N CYS A 3 2.08 -6.27 -0.95
CA CYS A 3 2.36 -4.86 -1.04
C CYS A 3 1.17 -4.15 -1.63
N ARG A 4 0.46 -3.47 -0.77
CA ARG A 4 -0.77 -2.80 -1.10
C ARG A 4 -0.49 -1.37 -1.44
N VAL A 6 -2.00 1.80 -1.98
CA VAL A 6 -3.19 2.57 -1.76
C VAL A 6 -2.92 3.94 -2.30
N ARG A 8 -4.10 7.58 -2.09
CA ARG A 8 -4.91 8.56 -1.43
C ARG A 8 -4.74 9.91 -2.09
N ARG A 9 -5.49 10.09 -3.16
CA ARG A 9 -5.54 11.31 -3.95
C ARG A 9 -4.13 11.67 -4.45
N GLY A 10 -3.55 10.77 -5.20
CA GLY A 10 -2.23 10.98 -5.73
C GLY A 10 -1.17 10.30 -4.91
N VAL A 11 -1.37 10.24 -3.61
CA VAL A 11 -0.43 9.62 -2.69
C VAL A 11 -0.48 8.11 -2.82
N ARG A 13 0.71 5.17 -1.58
CA ARG A 13 1.29 4.61 -0.41
C ARG A 13 1.27 3.09 -0.53
N VAL A 15 2.37 -0.15 0.97
CA VAL A 15 2.82 -0.74 2.20
C VAL A 15 2.82 -2.26 2.04
N CYS A 16 3.88 -2.90 2.46
CA CYS A 16 3.96 -4.34 2.39
C CYS A 16 3.61 -4.95 3.71
N ARG A 17 2.42 -5.50 3.78
CA ARG A 17 1.89 -6.08 4.99
C ARG A 17 1.29 -7.42 4.69
N ARG A 18 1.52 -8.36 5.57
CA ARG A 18 0.86 -9.67 5.54
C ARG A 18 1.17 -10.49 4.26
N GLY A 1 2.12 -9.57 4.62
CA GLY A 1 2.88 -10.31 3.65
C GLY A 1 2.69 -9.80 2.23
N VAL A 2 1.68 -8.97 2.00
CA VAL A 2 1.40 -8.51 0.65
C VAL A 2 1.57 -7.01 0.49
N CYS A 3 2.02 -6.61 -0.66
CA CYS A 3 2.22 -5.22 -0.96
C CYS A 3 1.11 -4.72 -1.89
N ARG A 4 0.54 -3.58 -1.55
CA ARG A 4 -0.52 -2.97 -2.32
C ARG A 4 -0.15 -1.52 -2.60
N VAL A 6 -1.42 1.61 -3.03
CA VAL A 6 -2.66 2.29 -2.79
C VAL A 6 -2.52 3.76 -3.10
N ARG A 8 -3.72 6.84 -2.04
CA ARG A 8 -4.39 7.41 -0.91
C ARG A 8 -4.15 8.89 -0.88
N ARG A 9 -5.21 9.64 -1.01
CA ARG A 9 -5.21 11.09 -0.92
C ARG A 9 -4.35 11.72 -2.04
N GLY A 10 -4.29 11.04 -3.17
CA GLY A 10 -3.56 11.56 -4.29
C GLY A 10 -2.11 11.07 -4.35
N VAL A 11 -1.68 10.33 -3.34
CA VAL A 11 -0.33 9.82 -3.33
C VAL A 11 -0.34 8.29 -3.35
N ARG A 13 1.18 4.94 -2.54
CA ARG A 13 2.09 4.37 -1.58
C ARG A 13 1.97 2.85 -1.63
N VAL A 15 2.11 -0.07 0.20
CA VAL A 15 2.08 -0.53 1.56
C VAL A 15 2.18 -2.04 1.59
N CYS A 16 3.11 -2.51 2.34
CA CYS A 16 3.30 -3.92 2.52
C CYS A 16 2.83 -4.29 3.90
N ARG A 17 1.82 -5.11 3.96
CA ARG A 17 1.26 -5.55 5.19
C ARG A 17 0.68 -6.93 5.02
N ARG A 18 0.80 -7.75 6.05
CA ARG A 18 0.24 -9.11 6.08
C ARG A 18 0.94 -9.99 5.02
N GLY A 1 3.61 -9.62 3.94
CA GLY A 1 4.13 -9.93 2.62
C GLY A 1 3.13 -9.54 1.53
N VAL A 2 2.06 -8.92 1.94
CA VAL A 2 1.03 -8.47 1.02
C VAL A 2 1.19 -6.99 0.81
N CYS A 3 1.58 -6.62 -0.38
CA CYS A 3 1.71 -5.24 -0.74
C CYS A 3 0.52 -4.82 -1.55
N ARG A 4 -0.06 -3.70 -1.18
CA ARG A 4 -1.17 -3.12 -1.91
C ARG A 4 -0.83 -1.66 -2.17
N VAL A 6 -2.12 1.63 -3.62
CA VAL A 6 -3.28 2.40 -4.04
C VAL A 6 -3.02 3.87 -3.78
N ARG A 8 -3.94 7.41 -2.57
CA ARG A 8 -4.82 8.08 -1.65
C ARG A 8 -4.17 9.41 -1.30
N ARG A 9 -4.91 10.49 -1.45
CA ARG A 9 -4.42 11.86 -1.19
C ARG A 9 -3.33 12.23 -2.22
N GLY A 10 -3.41 11.62 -3.38
CA GLY A 10 -2.52 11.92 -4.46
C GLY A 10 -1.23 11.14 -4.44
N VAL A 11 -1.03 10.34 -3.42
CA VAL A 11 0.18 9.57 -3.33
C VAL A 11 -0.12 8.09 -3.47
N ARG A 13 0.32 4.82 -2.33
CA ARG A 13 0.73 4.28 -1.08
C ARG A 13 0.82 2.78 -1.19
N VAL A 15 1.24 -0.19 0.76
CA VAL A 15 1.12 -0.73 2.11
C VAL A 15 1.47 -2.21 2.09
N CYS A 16 2.57 -2.55 2.71
CA CYS A 16 3.01 -3.93 2.76
C CYS A 16 2.90 -4.49 4.16
N ARG A 17 2.10 -5.51 4.32
CA ARG A 17 1.95 -6.19 5.58
C ARG A 17 1.68 -7.66 5.33
N ARG A 18 2.37 -8.52 6.06
CA ARG A 18 2.27 -9.97 5.94
C ARG A 18 2.75 -10.43 4.55
N GLY A 1 3.56 -10.25 3.40
CA GLY A 1 4.01 -10.44 2.04
C GLY A 1 3.08 -9.79 1.04
N VAL A 2 1.97 -9.29 1.53
CA VAL A 2 0.97 -8.69 0.70
C VAL A 2 1.19 -7.18 0.65
N CYS A 3 1.34 -6.66 -0.53
CA CYS A 3 1.57 -5.26 -0.72
C CYS A 3 0.40 -4.64 -1.45
N ARG A 4 -0.19 -3.64 -0.84
CA ARG A 4 -1.33 -2.97 -1.40
C ARG A 4 -1.03 -1.50 -1.57
N VAL A 6 -2.25 2.02 -2.13
CA VAL A 6 -3.38 2.88 -2.00
C VAL A 6 -3.00 4.27 -2.51
N ARG A 8 -4.08 7.69 -2.57
CA ARG A 8 -5.01 8.57 -1.93
C ARG A 8 -4.72 10.01 -2.30
N ARG A 9 -5.34 10.43 -3.39
CA ARG A 9 -5.26 11.76 -3.93
C ARG A 9 -3.82 12.12 -4.27
N GLY A 10 -3.28 11.42 -5.23
CA GLY A 10 -1.93 11.67 -5.68
C GLY A 10 -0.87 10.93 -4.88
N VAL A 11 -1.17 10.66 -3.63
CA VAL A 11 -0.23 9.99 -2.76
C VAL A 11 -0.31 8.48 -2.95
N ARG A 13 0.69 5.30 -1.81
CA ARG A 13 1.21 4.67 -0.61
C ARG A 13 1.12 3.16 -0.72
N VAL A 15 1.65 -0.18 1.06
CA VAL A 15 1.87 -0.80 2.35
C VAL A 15 2.07 -2.30 2.16
N CYS A 16 2.88 -2.89 2.97
CA CYS A 16 3.16 -4.30 2.89
C CYS A 16 3.09 -4.95 4.25
N ARG A 17 2.42 -6.08 4.30
CA ARG A 17 2.34 -6.90 5.50
C ARG A 17 1.95 -8.31 5.09
N ARG A 18 2.60 -9.31 5.69
CA ARG A 18 2.33 -10.75 5.43
C ARG A 18 2.77 -11.11 3.99
N GLY A 1 2.76 -10.13 3.59
CA GLY A 1 3.37 -10.62 2.40
C GLY A 1 2.72 -10.03 1.16
N VAL A 2 1.70 -9.21 1.34
CA VAL A 2 1.02 -8.61 0.22
C VAL A 2 1.19 -7.09 0.26
N CYS A 3 1.38 -6.50 -0.87
CA CYS A 3 1.59 -5.07 -0.94
C CYS A 3 0.37 -4.36 -1.47
N ARG A 4 0.00 -3.31 -0.79
CA ARG A 4 -1.11 -2.50 -1.16
C ARG A 4 -0.61 -1.12 -1.50
N VAL A 6 -1.69 2.05 -1.74
CA VAL A 6 -2.78 2.90 -1.40
C VAL A 6 -2.58 4.23 -2.03
N ARG A 8 -4.13 7.67 -2.05
CA ARG A 8 -4.98 8.64 -1.41
C ARG A 8 -5.05 9.88 -2.28
N ARG A 9 -5.68 9.71 -3.43
CA ARG A 9 -5.84 10.73 -4.45
C ARG A 9 -4.48 11.33 -4.85
N GLY A 10 -3.71 10.55 -5.55
CA GLY A 10 -2.40 10.98 -5.98
C GLY A 10 -1.30 10.54 -5.05
N VAL A 11 -1.58 10.53 -3.76
CA VAL A 11 -0.61 10.14 -2.77
C VAL A 11 -0.56 8.62 -2.69
N ARG A 13 1.27 5.13 -1.69
CA ARG A 13 2.18 4.54 -0.74
C ARG A 13 2.02 3.04 -0.79
N VAL A 15 2.38 -0.17 0.89
CA VAL A 15 2.55 -0.78 2.19
C VAL A 15 2.45 -2.29 2.06
N CYS A 16 3.46 -2.98 2.50
CA CYS A 16 3.46 -4.42 2.42
C CYS A 16 3.22 -5.02 3.77
N ARG A 17 2.17 -5.79 3.86
CA ARG A 17 1.76 -6.41 5.09
C ARG A 17 1.25 -7.78 4.78
N ARG A 18 1.62 -8.78 5.60
CA ARG A 18 1.18 -10.18 5.45
C ARG A 18 1.80 -10.82 4.19
N GLY A 1 2.80 -9.99 3.95
CA GLY A 1 3.25 -10.50 2.68
C GLY A 1 2.63 -9.78 1.50
N VAL A 2 1.55 -9.08 1.72
CA VAL A 2 0.87 -8.45 0.62
C VAL A 2 1.23 -6.97 0.50
N CYS A 3 1.70 -6.59 -0.66
CA CYS A 3 2.02 -5.22 -0.96
C CYS A 3 0.86 -4.62 -1.72
N ARG A 4 0.31 -3.56 -1.18
CA ARG A 4 -0.82 -2.90 -1.77
C ARG A 4 -0.51 -1.43 -1.92
N VAL A 6 -2.01 1.76 -2.73
CA VAL A 6 -3.26 2.45 -2.80
C VAL A 6 -2.97 3.87 -3.21
N ARG A 8 -3.93 7.25 -2.52
CA ARG A 8 -4.69 8.04 -1.57
C ARG A 8 -4.21 9.47 -1.62
N ARG A 9 -5.14 10.39 -1.86
CA ARG A 9 -4.87 11.85 -1.95
C ARG A 9 -3.90 12.14 -3.11
N GLY A 10 -3.97 11.31 -4.14
CA GLY A 10 -3.13 11.49 -5.31
C GLY A 10 -1.67 11.14 -5.06
N VAL A 11 -1.41 10.34 -4.07
CA VAL A 11 -0.07 9.90 -3.77
C VAL A 11 -0.09 8.41 -3.45
N ARG A 13 0.53 5.00 -1.78
CA ARG A 13 0.71 4.41 -0.49
C ARG A 13 0.90 2.92 -0.69
N VAL A 15 2.00 -0.25 0.86
CA VAL A 15 2.32 -0.88 2.10
C VAL A 15 2.43 -2.37 1.90
N CYS A 16 3.41 -2.95 2.53
CA CYS A 16 3.62 -4.36 2.50
C CYS A 16 3.41 -4.90 3.89
N ARG A 17 2.38 -5.67 4.06
CA ARG A 17 2.05 -6.20 5.34
C ARG A 17 1.45 -7.58 5.15
N ARG A 18 1.87 -8.52 5.97
CA ARG A 18 1.40 -9.91 5.93
C ARG A 18 1.80 -10.56 4.58
N GLY A 1 3.25 -9.68 4.12
CA GLY A 1 3.91 -10.17 2.94
C GLY A 1 3.23 -9.76 1.65
N VAL A 2 2.07 -9.12 1.76
CA VAL A 2 1.38 -8.66 0.58
C VAL A 2 1.52 -7.14 0.46
N CYS A 3 1.67 -6.67 -0.74
CA CYS A 3 1.84 -5.27 -0.99
C CYS A 3 0.73 -4.75 -1.87
N ARG A 4 -0.02 -3.83 -1.36
CA ARG A 4 -1.08 -3.20 -2.09
C ARG A 4 -0.79 -1.71 -2.16
N VAL A 6 -2.08 1.66 -2.82
CA VAL A 6 -3.29 2.44 -2.94
C VAL A 6 -2.95 3.89 -3.25
N ARG A 8 -4.14 7.31 -2.61
CA ARG A 8 -5.00 8.14 -1.80
C ARG A 8 -4.24 9.37 -1.41
N ARG A 9 -4.91 10.52 -1.52
CA ARG A 9 -4.33 11.84 -1.27
C ARG A 9 -3.38 12.19 -2.43
N GLY A 10 -3.65 11.58 -3.57
CA GLY A 10 -2.90 11.80 -4.79
C GLY A 10 -1.48 11.36 -4.71
N VAL A 11 -1.24 10.26 -4.03
CA VAL A 11 0.08 9.72 -3.88
C VAL A 11 -0.03 8.21 -3.68
N ARG A 13 0.64 4.95 -2.02
CA ARG A 13 1.02 4.42 -0.75
C ARG A 13 1.07 2.90 -0.87
N VAL A 15 1.35 -0.27 0.69
CA VAL A 15 1.20 -0.87 1.97
C VAL A 15 1.61 -2.33 1.87
N CYS A 16 2.72 -2.65 2.47
CA CYS A 16 3.16 -4.00 2.56
C CYS A 16 2.91 -4.49 3.96
N ARG A 17 2.08 -5.48 4.08
CA ARG A 17 1.71 -6.03 5.33
C ARG A 17 1.46 -7.50 5.16
N ARG A 18 2.00 -8.31 6.07
CA ARG A 18 1.81 -9.77 6.09
C ARG A 18 2.48 -10.44 4.85
N GLY A 1 3.82 -9.86 3.61
CA GLY A 1 4.19 -10.09 2.24
C GLY A 1 3.13 -9.65 1.24
N VAL A 2 1.99 -9.18 1.70
CA VAL A 2 0.98 -8.69 0.78
C VAL A 2 1.00 -7.18 0.74
N CYS A 3 1.01 -6.64 -0.43
CA CYS A 3 1.11 -5.22 -0.60
C CYS A 3 -0.11 -4.65 -1.27
N ARG A 4 -0.51 -3.50 -0.80
CA ARG A 4 -1.57 -2.75 -1.40
C ARG A 4 -1.04 -1.41 -1.78
N VAL A 6 -1.93 1.87 -3.05
CA VAL A 6 -3.08 2.70 -3.14
C VAL A 6 -2.69 4.14 -3.35
N ARG A 8 -3.96 7.46 -2.87
CA ARG A 8 -4.96 8.15 -2.11
C ARG A 8 -4.50 9.56 -1.89
N ARG A 9 -5.31 10.50 -2.34
CA ARG A 9 -5.02 11.94 -2.24
C ARG A 9 -3.75 12.26 -3.05
N GLY A 10 -3.55 11.51 -4.12
CA GLY A 10 -2.42 11.68 -4.99
C GLY A 10 -1.21 10.86 -4.53
N VAL A 11 -1.23 10.42 -3.31
CA VAL A 11 -0.11 9.72 -2.74
C VAL A 11 -0.20 8.24 -3.10
N ARG A 13 0.86 5.14 -2.17
CA ARG A 13 1.40 4.53 -0.99
C ARG A 13 1.24 3.01 -1.06
N VAL A 15 1.37 -0.18 0.96
CA VAL A 15 1.33 -0.72 2.31
C VAL A 15 1.52 -2.23 2.23
N CYS A 16 2.57 -2.72 2.84
CA CYS A 16 2.86 -4.14 2.82
C CYS A 16 2.80 -4.72 4.23
N ARG A 17 2.20 -5.88 4.33
CA ARG A 17 2.14 -6.60 5.58
C ARG A 17 1.98 -8.07 5.27
N ARG A 18 2.78 -8.91 5.90
CA ARG A 18 2.75 -10.37 5.72
C ARG A 18 3.08 -10.73 4.26
N GLY A 1 1.96 -8.56 4.86
CA GLY A 1 3.05 -9.02 4.07
C GLY A 1 2.94 -8.64 2.60
N VAL A 2 1.75 -8.26 2.14
CA VAL A 2 1.59 -7.99 0.73
C VAL A 2 1.66 -6.50 0.40
N CYS A 3 2.62 -6.14 -0.41
CA CYS A 3 2.79 -4.77 -0.85
C CYS A 3 1.85 -4.41 -1.96
N ARG A 4 0.83 -3.65 -1.62
CA ARG A 4 -0.14 -3.20 -2.55
C ARG A 4 0.09 -1.76 -2.88
N VAL A 6 -1.43 1.28 -3.44
CA VAL A 6 -2.70 1.91 -3.21
C VAL A 6 -2.58 3.40 -3.22
N ARG A 8 -3.57 6.51 -1.63
CA ARG A 8 -4.07 7.04 -0.40
C ARG A 8 -3.60 8.48 -0.31
N ARG A 9 -4.50 9.39 0.03
CA ARG A 9 -4.21 10.83 0.16
C ARG A 9 -3.69 11.38 -1.20
N GLY A 10 -4.16 10.76 -2.28
CA GLY A 10 -3.74 11.14 -3.61
C GLY A 10 -2.35 10.66 -3.97
N VAL A 11 -1.77 9.87 -3.09
CA VAL A 11 -0.45 9.34 -3.25
C VAL A 11 -0.53 7.86 -3.55
N ARG A 13 1.04 4.84 -3.19
CA ARG A 13 2.08 4.38 -2.31
C ARG A 13 1.95 2.87 -2.14
N VAL A 15 2.33 -0.28 -0.06
CA VAL A 15 2.42 -0.64 1.35
C VAL A 15 2.23 -2.14 1.55
N CYS A 16 3.09 -2.73 2.37
CA CYS A 16 2.99 -4.13 2.70
C CYS A 16 2.11 -4.31 3.91
N ARG A 17 0.94 -4.79 3.66
CA ARG A 17 -0.01 -5.07 4.70
C ARG A 17 -0.27 -6.54 4.69
N ARG A 18 -0.07 -7.19 5.83
CA ARG A 18 -0.18 -8.65 5.98
C ARG A 18 0.91 -9.32 5.12
#